data_4NJJ
#
_entry.id   4NJJ
#
_cell.length_a   119.174
_cell.length_b   119.174
_cell.length_c   105.310
_cell.angle_alpha   90.00
_cell.angle_beta   90.00
_cell.angle_gamma   90.00
#
_symmetry.space_group_name_H-M   'P 43 21 2'
#
loop_
_entity.id
_entity.type
_entity.pdbx_description
1 polymer '7-carboxy-7-deazaguanine synthase'
2 non-polymer 'IRON/SULFUR CLUSTER'
3 non-polymer S-ADENOSYLMETHIONINE
4 non-polymer '(6R)-2-amino-4-oxo-3,4,5,6,7,8-hexahydropteridine-6-carboxylic acid'
5 non-polymer 'MANGANESE (II) ION'
6 water water
#
_entity_poly.entity_id   1
_entity_poly.type   'polypeptide(L)'
_entity_poly.pdbx_seq_one_letter_code
;MGSSHHHHHHSSGLVPRGSHMTYAVKEIFYTLQGEGANAGRPAVFCRFAGCNLWSGREEDRAQAVCRFCDTDFVGTDGEN
GGKFKDADALVATIAGLWPAGEAHRFVVCTGGEPMLQLDQPLVDALHAAGFGIAIETNGSLPVLESIDWICVSPKADAPL
VVTKGNELKVVIPQDNQRLADYAKLDFEYFLVQPMDGPSRDLNTKLAIDWCKRHPQWRLSMQTHKYLNIP
;
_entity_poly.pdbx_strand_id   A,B
#
loop_
_chem_comp.id
_chem_comp.type
_chem_comp.name
_chem_comp.formula
2K8 non-polymer '(6R)-2-amino-4-oxo-3,4,5,6,7,8-hexahydropteridine-6-carboxylic acid' 'C7 H9 N5 O3'
MN non-polymer 'MANGANESE (II) ION' 'Mn 2'
SAM non-polymer S-ADENOSYLMETHIONINE 'C15 H22 N6 O5 S'
SF4 non-polymer 'IRON/SULFUR CLUSTER' 'Fe4 S4'
#
# COMPACT_ATOMS: atom_id res chain seq x y z
N THR A 22 -27.76 -2.55 19.90
CA THR A 22 -27.01 -3.63 20.52
C THR A 22 -26.08 -4.32 19.49
N TYR A 23 -24.82 -4.52 19.88
CA TYR A 23 -23.78 -4.98 18.94
C TYR A 23 -23.03 -6.22 19.44
N ALA A 24 -22.93 -7.23 18.58
CA ALA A 24 -22.15 -8.42 18.87
C ALA A 24 -20.79 -8.37 18.18
N VAL A 25 -19.71 -8.47 18.95
CA VAL A 25 -18.36 -8.29 18.41
C VAL A 25 -17.43 -9.44 18.75
N LYS A 26 -16.82 -10.02 17.72
CA LYS A 26 -15.90 -11.14 17.88
C LYS A 26 -14.64 -10.75 18.63
N GLU A 27 -13.98 -9.71 18.16
CA GLU A 27 -12.74 -9.24 18.77
C GLU A 27 -12.45 -7.79 18.38
N ILE A 28 -11.77 -7.07 19.26
CA ILE A 28 -11.30 -5.73 18.98
C ILE A 28 -9.82 -5.64 19.33
N PHE A 29 -8.99 -5.25 18.35
CA PHE A 29 -7.56 -5.14 18.58
C PHE A 29 -6.92 -3.99 17.79
N TYR A 30 -5.73 -3.58 18.23
CA TYR A 30 -5.00 -2.48 17.61
C TYR A 30 -3.80 -3.01 16.85
N THR A 31 -3.68 -2.61 15.58
CA THR A 31 -2.58 -3.10 14.74
C THR A 31 -2.45 -2.25 13.47
N LEU A 32 -1.75 -2.76 12.48
CA LEU A 32 -1.66 -2.10 11.18
C LEU A 32 -2.61 -2.77 10.19
N GLN A 33 -3.31 -1.97 9.41
CA GLN A 33 -4.10 -2.49 8.30
C GLN A 33 -3.18 -3.24 7.35
N GLY A 34 -3.49 -4.51 7.11
CA GLY A 34 -2.64 -5.36 6.31
C GLY A 34 -2.95 -5.37 4.83
N GLU A 35 -4.17 -4.96 4.48
CA GLU A 35 -4.66 -5.08 3.11
C GLU A 35 -5.06 -3.75 2.50
N GLY A 36 -5.24 -3.74 1.17
CA GLY A 36 -5.85 -2.61 0.49
C GLY A 36 -4.96 -1.39 0.32
N ALA A 37 -5.59 -0.28 -0.01
CA ALA A 37 -4.87 0.96 -0.27
C ALA A 37 -4.29 1.57 1.01
N ASN A 38 -4.90 1.24 2.15
CA ASN A 38 -4.44 1.75 3.44
C ASN A 38 -3.49 0.81 4.16
N ALA A 39 -2.92 -0.15 3.44
CA ALA A 39 -1.99 -1.10 4.05
C ALA A 39 -0.81 -0.40 4.72
N GLY A 40 -0.50 -0.82 5.95
CA GLY A 40 0.59 -0.23 6.70
C GLY A 40 0.12 0.86 7.66
N ARG A 41 -1.10 1.32 7.47
CA ARG A 41 -1.65 2.35 8.34
C ARG A 41 -2.15 1.77 9.67
N PRO A 42 -1.75 2.37 10.79
CA PRO A 42 -2.22 1.92 12.10
C PRO A 42 -3.73 2.13 12.24
N ALA A 43 -4.42 1.13 12.76
CA ALA A 43 -5.86 1.20 12.94
C ALA A 43 -6.34 0.26 14.02
N VAL A 44 -7.50 0.58 14.60
CA VAL A 44 -8.19 -0.35 15.48
C VAL A 44 -9.14 -1.19 14.66
N PHE A 45 -9.03 -2.50 14.80
CA PHE A 45 -9.91 -3.41 14.08
C PHE A 45 -11.09 -3.83 14.94
N CYS A 46 -12.28 -3.48 14.49
CA CYS A 46 -13.51 -3.92 15.15
C CYS A 46 -14.16 -5.02 14.34
N ARG A 47 -13.97 -6.27 14.76
CA ARG A 47 -14.46 -7.42 14.00
C ARG A 47 -15.83 -7.85 14.51
N PHE A 48 -16.89 -7.47 13.81
CA PHE A 48 -18.24 -7.87 14.15
C PHE A 48 -18.43 -9.36 13.96
N ALA A 49 -19.35 -9.95 14.71
CA ALA A 49 -19.64 -11.37 14.56
C ALA A 49 -20.75 -11.58 13.52
N GLY A 50 -20.79 -12.79 12.96
CA GLY A 50 -21.82 -13.16 12.01
C GLY A 50 -21.64 -12.60 10.61
N CYS A 51 -21.95 -13.43 9.61
CA CYS A 51 -21.90 -13.02 8.22
C CYS A 51 -23.13 -13.54 7.47
N ASN A 52 -23.56 -12.82 6.44
CA ASN A 52 -24.73 -13.23 5.69
C ASN A 52 -24.42 -14.24 4.58
N LEU A 53 -23.14 -14.50 4.33
CA LEU A 53 -22.76 -15.38 3.22
C LEU A 53 -22.18 -16.71 3.70
N TRP A 54 -22.06 -16.87 5.01
CA TRP A 54 -21.58 -18.11 5.60
C TRP A 54 -21.89 -18.12 7.09
N SER A 55 -22.36 -19.25 7.60
CA SER A 55 -22.70 -19.37 9.01
C SER A 55 -21.46 -19.27 9.89
N GLY A 56 -20.32 -19.71 9.36
CA GLY A 56 -19.08 -19.67 10.11
C GLY A 56 -18.67 -21.03 10.64
N ARG A 57 -19.55 -22.02 10.50
CA ARG A 57 -19.23 -23.39 10.89
C ARG A 57 -18.63 -24.15 9.71
N GLU A 58 -17.63 -24.98 9.99
CA GLU A 58 -16.91 -25.67 8.94
C GLU A 58 -17.78 -26.67 8.18
N GLU A 59 -18.83 -27.17 8.83
CA GLU A 59 -19.73 -28.14 8.20
C GLU A 59 -20.53 -27.49 7.08
N ASP A 60 -20.73 -26.19 7.17
CA ASP A 60 -21.54 -25.48 6.19
C ASP A 60 -20.68 -24.82 5.09
N ARG A 61 -19.36 -24.83 5.26
CA ARG A 61 -18.47 -24.15 4.33
C ARG A 61 -18.59 -24.66 2.89
N ALA A 62 -18.77 -25.97 2.73
CA ALA A 62 -18.76 -26.56 1.40
C ALA A 62 -20.02 -26.24 0.59
N GLN A 63 -21.05 -25.71 1.26
CA GLN A 63 -22.31 -25.38 0.58
C GLN A 63 -22.66 -23.90 0.67
N ALA A 64 -21.73 -23.10 1.20
CA ALA A 64 -22.00 -21.68 1.45
C ALA A 64 -21.82 -20.83 0.19
N VAL A 65 -22.33 -19.61 0.23
CA VAL A 65 -22.21 -18.68 -0.89
C VAL A 65 -20.77 -18.17 -0.99
N CYS A 66 -20.16 -17.93 0.18
CA CYS A 66 -18.75 -17.61 0.27
C CYS A 66 -18.01 -18.73 1.00
N ARG A 67 -17.09 -19.39 0.29
CA ARG A 67 -16.48 -20.61 0.82
C ARG A 67 -14.98 -20.51 1.14
N PHE A 68 -14.34 -19.38 0.84
CA PHE A 68 -12.90 -19.29 0.99
C PHE A 68 -12.44 -18.49 2.20
N CYS A 69 -13.37 -18.14 3.10
CA CYS A 69 -13.06 -17.28 4.24
C CYS A 69 -11.90 -17.80 5.09
N ASP A 70 -10.99 -16.90 5.47
CA ASP A 70 -9.82 -17.22 6.27
C ASP A 70 -9.98 -16.78 7.72
N THR A 71 -11.20 -16.39 8.08
CA THR A 71 -11.45 -15.68 9.33
C THR A 71 -12.41 -16.43 10.27
N ASP A 72 -12.17 -16.33 11.58
CA ASP A 72 -13.10 -16.82 12.58
C ASP A 72 -13.93 -15.67 13.14
N PHE A 73 -15.17 -15.56 12.68
CA PHE A 73 -16.08 -14.51 13.15
C PHE A 73 -17.24 -15.08 13.95
N VAL A 74 -17.08 -16.30 14.46
CA VAL A 74 -18.13 -16.98 15.21
C VAL A 74 -18.05 -16.70 16.71
N GLY A 75 -19.05 -16.01 17.23
CA GLY A 75 -19.15 -15.77 18.66
C GLY A 75 -18.65 -14.41 19.10
N THR A 76 -18.52 -14.23 20.40
CA THR A 76 -18.01 -12.99 20.97
C THR A 76 -16.98 -13.29 22.06
N ASP A 77 -16.19 -14.34 21.84
CA ASP A 77 -15.26 -14.84 22.85
C ASP A 77 -13.80 -14.46 22.57
N GLY A 78 -13.59 -13.53 21.63
CA GLY A 78 -12.25 -13.13 21.27
C GLY A 78 -11.71 -12.02 22.15
N GLU A 79 -10.49 -11.57 21.83
CA GLU A 79 -9.85 -10.49 22.57
C GLU A 79 -10.70 -9.21 22.53
N ASN A 80 -11.07 -8.71 23.70
CA ASN A 80 -11.92 -7.52 23.83
C ASN A 80 -13.28 -7.69 23.16
N GLY A 81 -13.70 -8.93 22.96
CA GLY A 81 -14.96 -9.21 22.31
C GLY A 81 -16.09 -9.49 23.29
N GLY A 82 -17.28 -9.01 22.95
CA GLY A 82 -18.47 -9.27 23.77
C GLY A 82 -19.72 -8.67 23.17
N LYS A 83 -20.81 -8.71 23.93
CA LYS A 83 -22.06 -8.08 23.52
C LYS A 83 -22.14 -6.70 24.17
N PHE A 84 -22.30 -5.68 23.35
CA PHE A 84 -22.17 -4.31 23.83
C PHE A 84 -23.51 -3.61 24.07
N LYS A 85 -23.59 -2.93 25.20
CA LYS A 85 -24.76 -2.16 25.64
C LYS A 85 -25.33 -1.29 24.52
N ASP A 86 -24.57 -0.27 24.13
CA ASP A 86 -24.99 0.65 23.08
C ASP A 86 -23.77 1.17 22.32
N ALA A 87 -23.96 2.21 21.53
CA ALA A 87 -22.87 2.78 20.73
C ALA A 87 -21.74 3.30 21.61
N ASP A 88 -22.08 4.13 22.60
CA ASP A 88 -21.08 4.75 23.47
C ASP A 88 -20.19 3.72 24.18
N ALA A 89 -20.78 2.57 24.52
CA ALA A 89 -20.05 1.52 25.22
C ALA A 89 -19.01 0.85 24.32
N LEU A 90 -19.35 0.70 23.04
CA LEU A 90 -18.44 0.11 22.08
C LEU A 90 -17.31 1.07 21.70
N VAL A 91 -17.66 2.36 21.56
CA VAL A 91 -16.69 3.38 21.24
C VAL A 91 -15.67 3.53 22.37
N ALA A 92 -16.11 3.35 23.61
CA ALA A 92 -15.20 3.46 24.75
C ALA A 92 -14.07 2.42 24.71
N THR A 93 -14.40 1.22 24.24
CA THR A 93 -13.41 0.14 24.15
C THR A 93 -12.45 0.42 22.99
N ILE A 94 -13.01 0.86 21.88
CA ILE A 94 -12.21 1.21 20.71
C ILE A 94 -11.24 2.34 21.00
N ALA A 95 -11.76 3.46 21.52
CA ALA A 95 -10.95 4.64 21.81
C ALA A 95 -9.91 4.38 22.90
N GLY A 96 -10.13 3.33 23.70
CA GLY A 96 -9.23 3.00 24.78
C GLY A 96 -8.02 2.19 24.34
N LEU A 97 -8.04 1.73 23.10
CA LEU A 97 -6.95 0.93 22.56
C LEU A 97 -5.98 1.81 21.79
N TRP A 98 -6.41 3.02 21.47
CA TRP A 98 -5.57 3.99 20.79
C TRP A 98 -4.51 4.52 21.75
N PRO A 99 -3.27 4.72 21.24
CA PRO A 99 -2.19 5.32 22.03
C PRO A 99 -2.58 6.70 22.58
N ALA A 100 -2.34 6.89 23.87
CA ALA A 100 -2.72 8.11 24.57
C ALA A 100 -2.06 9.35 23.98
N GLY A 101 -2.84 10.40 23.78
CA GLY A 101 -2.30 11.67 23.32
C GLY A 101 -2.04 11.73 21.83
N GLU A 102 -2.20 10.61 21.14
CA GLU A 102 -1.98 10.58 19.70
C GLU A 102 -3.28 10.78 18.94
N ALA A 103 -3.19 11.44 17.79
CA ALA A 103 -4.33 11.68 16.92
C ALA A 103 -4.39 10.67 15.78
N HIS A 104 -4.89 11.12 14.62
CA HIS A 104 -5.01 10.29 13.42
C HIS A 104 -5.79 9.00 13.68
N ARG A 105 -6.82 9.11 14.51
CA ARG A 105 -7.63 7.96 14.90
C ARG A 105 -8.33 7.32 13.72
N PHE A 106 -8.25 6.00 13.65
CA PHE A 106 -8.73 5.26 12.49
C PHE A 106 -9.23 3.87 12.92
N VAL A 107 -10.48 3.57 12.61
CA VAL A 107 -11.06 2.28 12.94
C VAL A 107 -11.51 1.56 11.67
N VAL A 108 -11.17 0.28 11.58
CA VAL A 108 -11.65 -0.55 10.48
C VAL A 108 -12.74 -1.49 10.99
N CYS A 109 -13.96 -1.29 10.49
CA CYS A 109 -15.08 -2.16 10.83
C CYS A 109 -15.13 -3.34 9.86
N THR A 110 -15.03 -4.54 10.42
CA THR A 110 -14.94 -5.76 9.63
C THR A 110 -15.71 -6.87 10.34
N GLY A 111 -15.41 -8.12 10.00
CA GLY A 111 -16.13 -9.25 10.55
C GLY A 111 -15.64 -10.57 9.98
N GLY A 112 -16.55 -11.43 9.53
CA GLY A 112 -17.98 -11.17 9.56
C GLY A 112 -18.42 -10.17 8.51
N GLU A 113 -19.71 -9.88 8.45
CA GLU A 113 -20.18 -8.81 7.58
C GLU A 113 -20.69 -7.66 8.44
N PRO A 114 -19.89 -6.59 8.54
CA PRO A 114 -20.18 -5.43 9.40
C PRO A 114 -21.50 -4.73 9.11
N MET A 115 -22.00 -4.81 7.89
CA MET A 115 -23.25 -4.12 7.55
C MET A 115 -24.49 -4.82 8.12
N LEU A 116 -24.28 -5.96 8.79
CA LEU A 116 -25.36 -6.61 9.52
C LEU A 116 -25.65 -5.89 10.84
N GLN A 117 -24.71 -5.05 11.28
CA GLN A 117 -24.82 -4.42 12.60
C GLN A 117 -24.49 -2.94 12.62
N LEU A 118 -23.61 -2.49 11.72
CA LEU A 118 -23.13 -1.12 11.74
C LEU A 118 -24.21 -0.13 11.33
N ASP A 119 -24.67 0.67 12.30
CA ASP A 119 -25.74 1.63 12.04
C ASP A 119 -25.24 3.07 12.18
N GLN A 120 -26.07 4.02 11.75
CA GLN A 120 -25.72 5.44 11.79
C GLN A 120 -25.35 5.99 13.17
N PRO A 121 -26.05 5.55 14.24
CA PRO A 121 -25.62 6.09 15.54
C PRO A 121 -24.21 5.68 15.96
N LEU A 122 -23.76 4.51 15.55
CA LEU A 122 -22.40 4.07 15.86
C LEU A 122 -21.39 4.86 15.04
N VAL A 123 -21.73 5.10 13.78
CA VAL A 123 -20.91 5.92 12.91
C VAL A 123 -20.73 7.31 13.51
N ASP A 124 -21.83 7.87 14.02
CA ASP A 124 -21.82 9.21 14.59
C ASP A 124 -21.02 9.28 15.89
N ALA A 125 -21.12 8.24 16.71
CA ALA A 125 -20.38 8.19 17.96
C ALA A 125 -18.88 8.07 17.72
N LEU A 126 -18.52 7.37 16.64
CA LEU A 126 -17.11 7.22 16.28
C LEU A 126 -16.55 8.52 15.73
N HIS A 127 -17.32 9.17 14.86
CA HIS A 127 -16.93 10.47 14.33
C HIS A 127 -16.75 11.50 15.45
N ALA A 128 -17.62 11.42 16.45
CA ALA A 128 -17.57 12.33 17.60
C ALA A 128 -16.30 12.09 18.41
N ALA A 129 -15.79 10.87 18.37
CA ALA A 129 -14.59 10.52 19.13
C ALA A 129 -13.32 10.70 18.30
N GLY A 130 -13.44 11.45 17.21
CA GLY A 130 -12.29 11.79 16.38
C GLY A 130 -11.78 10.66 15.48
N PHE A 131 -12.59 9.61 15.32
CA PHE A 131 -12.21 8.51 14.45
C PHE A 131 -12.64 8.70 13.00
N GLY A 132 -11.76 8.32 12.07
CA GLY A 132 -12.13 8.13 10.68
C GLY A 132 -12.55 6.68 10.55
N ILE A 133 -13.61 6.42 9.80
CA ILE A 133 -14.17 5.07 9.74
C ILE A 133 -13.99 4.41 8.38
N ALA A 134 -13.37 3.23 8.39
CA ALA A 134 -13.29 2.42 7.19
C ALA A 134 -14.07 1.13 7.40
N ILE A 135 -14.57 0.56 6.31
CA ILE A 135 -15.34 -0.66 6.40
C ILE A 135 -14.86 -1.70 5.38
N GLU A 136 -14.77 -2.94 5.81
CA GLU A 136 -14.54 -4.06 4.91
C GLU A 136 -15.87 -4.79 4.72
N THR A 137 -16.47 -4.66 3.55
CA THR A 137 -17.79 -5.28 3.33
C THR A 137 -17.81 -6.08 2.04
N ASN A 138 -18.71 -7.07 1.98
CA ASN A 138 -18.74 -7.97 0.83
C ASN A 138 -19.62 -7.47 -0.31
N GLY A 139 -20.24 -6.30 -0.11
CA GLY A 139 -21.01 -5.64 -1.16
C GLY A 139 -22.43 -6.13 -1.34
N SER A 140 -22.82 -7.17 -0.62
CA SER A 140 -24.16 -7.74 -0.74
C SER A 140 -25.22 -6.91 0.00
N LEU A 141 -24.77 -6.11 0.97
CA LEU A 141 -25.68 -5.26 1.75
C LEU A 141 -25.45 -3.80 1.43
N PRO A 142 -26.52 -2.99 1.50
CA PRO A 142 -26.36 -1.53 1.33
C PRO A 142 -25.50 -0.94 2.43
N VAL A 143 -24.79 0.14 2.15
CA VAL A 143 -23.88 0.72 3.15
C VAL A 143 -24.19 2.18 3.45
N LEU A 144 -23.78 2.62 4.63
CA LEU A 144 -23.91 4.02 5.03
C LEU A 144 -22.83 4.85 4.36
N GLU A 145 -23.23 5.88 3.62
CA GLU A 145 -22.28 6.66 2.84
C GLU A 145 -21.59 7.75 3.66
N SER A 146 -21.95 7.83 4.94
CA SER A 146 -21.26 8.73 5.87
C SER A 146 -19.94 8.10 6.32
N ILE A 147 -19.74 6.83 5.96
CA ILE A 147 -18.48 6.14 6.22
C ILE A 147 -17.37 6.71 5.35
N ASP A 148 -16.22 6.96 5.95
CA ASP A 148 -15.14 7.72 5.29
C ASP A 148 -14.40 6.92 4.23
N TRP A 149 -14.16 5.64 4.50
CA TRP A 149 -13.48 4.78 3.54
C TRP A 149 -14.25 3.48 3.33
N ILE A 150 -14.77 3.29 2.11
CA ILE A 150 -15.57 2.11 1.80
C ILE A 150 -14.82 1.12 0.93
N CYS A 151 -14.54 -0.05 1.50
CA CYS A 151 -13.87 -1.12 0.78
C CYS A 151 -14.83 -2.26 0.47
N VAL A 152 -15.02 -2.54 -0.82
CA VAL A 152 -15.91 -3.61 -1.24
C VAL A 152 -15.15 -4.79 -1.82
N SER A 153 -15.38 -5.98 -1.26
CA SER A 153 -14.79 -7.19 -1.81
C SER A 153 -15.88 -8.14 -2.31
N PRO A 154 -16.20 -8.05 -3.61
CA PRO A 154 -17.32 -8.79 -4.23
C PRO A 154 -17.12 -10.30 -4.22
N LYS A 155 -18.13 -11.02 -3.76
CA LYS A 155 -18.14 -12.47 -3.87
C LYS A 155 -18.90 -12.86 -5.14
N ALA A 156 -18.36 -13.81 -5.90
CA ALA A 156 -18.83 -14.07 -7.25
C ALA A 156 -20.23 -14.68 -7.33
N ASP A 157 -20.66 -15.34 -6.25
CA ASP A 157 -21.99 -15.97 -6.22
C ASP A 157 -22.96 -15.24 -5.31
N ALA A 158 -22.60 -14.02 -4.91
CA ALA A 158 -23.49 -13.18 -4.13
C ALA A 158 -23.90 -12.00 -4.98
N PRO A 159 -25.07 -11.40 -4.69
CA PRO A 159 -25.43 -10.19 -5.44
C PRO A 159 -24.57 -9.00 -5.01
N LEU A 160 -24.27 -8.10 -5.95
CA LEU A 160 -23.48 -6.92 -5.64
C LEU A 160 -24.36 -5.66 -5.71
N VAL A 161 -24.72 -5.11 -4.56
CA VAL A 161 -25.59 -3.93 -4.53
C VAL A 161 -24.83 -2.62 -4.28
N VAL A 162 -23.59 -2.75 -3.79
CA VAL A 162 -22.73 -1.58 -3.65
C VAL A 162 -21.84 -1.45 -4.89
N THR A 163 -22.13 -0.45 -5.71
CA THR A 163 -21.42 -0.30 -6.97
C THR A 163 -20.63 0.99 -7.03
N LYS A 164 -20.54 1.67 -5.89
CA LYS A 164 -19.66 2.83 -5.77
C LYS A 164 -19.02 2.84 -4.39
N GLY A 165 -17.80 3.37 -4.33
CA GLY A 165 -17.04 3.40 -3.09
C GLY A 165 -15.60 3.81 -3.33
N ASN A 166 -14.75 3.58 -2.33
CA ASN A 166 -13.37 4.01 -2.39
C ASN A 166 -12.46 3.00 -3.07
N GLU A 167 -12.42 1.78 -2.54
CA GLU A 167 -11.65 0.74 -3.20
C GLU A 167 -12.48 -0.52 -3.43
N LEU A 168 -12.27 -1.13 -4.58
CA LEU A 168 -12.86 -2.43 -4.90
C LEU A 168 -11.77 -3.49 -4.84
N LYS A 169 -11.76 -4.26 -3.75
CA LYS A 169 -10.70 -5.23 -3.51
C LYS A 169 -11.18 -6.65 -3.80
N VAL A 170 -10.90 -7.13 -5.00
CA VAL A 170 -11.41 -8.42 -5.45
C VAL A 170 -10.46 -9.58 -5.19
N VAL A 171 -10.89 -10.53 -4.38
CA VAL A 171 -10.09 -11.73 -4.15
C VAL A 171 -10.16 -12.67 -5.37
N ILE A 172 -9.00 -12.97 -5.96
CA ILE A 172 -8.93 -13.86 -7.11
C ILE A 172 -8.05 -15.07 -6.82
N PRO A 173 -8.31 -16.20 -7.49
CA PRO A 173 -9.40 -16.44 -8.45
C PRO A 173 -10.64 -17.06 -7.81
N GLN A 174 -11.82 -16.70 -8.33
CA GLN A 174 -13.07 -17.36 -7.98
C GLN A 174 -13.75 -17.84 -9.26
N ASP A 175 -14.48 -18.94 -9.18
CA ASP A 175 -15.25 -19.39 -10.35
C ASP A 175 -16.41 -18.43 -10.59
N ASN A 176 -16.89 -18.38 -11.83
CA ASN A 176 -17.97 -17.49 -12.24
C ASN A 176 -17.61 -16.02 -12.09
N GLN A 177 -16.34 -15.73 -11.85
CA GLN A 177 -15.89 -14.37 -11.67
C GLN A 177 -15.86 -13.63 -13.01
N ARG A 178 -16.44 -12.43 -13.02
CA ARG A 178 -16.39 -11.58 -14.20
C ARG A 178 -15.53 -10.36 -13.86
N LEU A 179 -14.21 -10.54 -13.92
CA LEU A 179 -13.26 -9.57 -13.40
C LEU A 179 -13.24 -8.24 -14.15
N ALA A 180 -13.23 -8.30 -15.48
CA ALA A 180 -13.15 -7.08 -16.29
C ALA A 180 -14.37 -6.17 -16.08
N ASP A 181 -15.53 -6.74 -15.81
CA ASP A 181 -16.75 -5.95 -15.57
C ASP A 181 -16.63 -5.09 -14.31
N TYR A 182 -15.94 -5.61 -13.29
CA TYR A 182 -15.74 -4.88 -12.04
C TYR A 182 -15.06 -3.53 -12.27
N ALA A 183 -14.24 -3.45 -13.31
CA ALA A 183 -13.47 -2.24 -13.58
C ALA A 183 -14.33 -1.15 -14.23
N LYS A 184 -15.61 -1.42 -14.42
CA LYS A 184 -16.52 -0.43 -14.98
C LYS A 184 -17.32 0.25 -13.88
N LEU A 185 -17.06 -0.15 -12.64
CA LEU A 185 -17.78 0.40 -11.50
C LEU A 185 -17.12 1.69 -10.99
N ASP A 186 -17.85 2.42 -10.13
CA ASP A 186 -17.44 3.74 -9.68
C ASP A 186 -16.61 3.69 -8.40
N PHE A 187 -15.34 3.32 -8.55
CA PHE A 187 -14.40 3.26 -7.42
C PHE A 187 -13.14 4.03 -7.75
N GLU A 188 -12.40 4.43 -6.73
CA GLU A 188 -11.16 5.15 -6.93
C GLU A 188 -10.01 4.18 -7.17
N TYR A 189 -10.01 3.08 -6.42
CA TYR A 189 -8.95 2.09 -6.52
C TYR A 189 -9.50 0.71 -6.85
N PHE A 190 -8.81 0.01 -7.73
CA PHE A 190 -9.21 -1.35 -8.10
C PHE A 190 -8.08 -2.30 -7.78
N LEU A 191 -8.33 -3.20 -6.83
CA LEU A 191 -7.28 -4.12 -6.37
C LEU A 191 -7.68 -5.58 -6.53
N VAL A 192 -6.72 -6.42 -6.88
CA VAL A 192 -6.93 -7.87 -6.80
C VAL A 192 -6.06 -8.42 -5.69
N GLN A 193 -6.63 -9.35 -4.93
CA GLN A 193 -5.95 -9.90 -3.77
C GLN A 193 -5.91 -11.41 -3.89
N PRO A 194 -4.71 -12.00 -3.78
CA PRO A 194 -4.54 -13.44 -3.93
C PRO A 194 -5.29 -14.24 -2.86
N MET A 195 -6.08 -15.21 -3.28
CA MET A 195 -6.83 -16.04 -2.34
C MET A 195 -5.89 -16.93 -1.52
N ASP A 196 -5.91 -16.75 -0.21
CA ASP A 196 -5.09 -17.57 0.67
C ASP A 196 -5.69 -18.97 0.81
N GLY A 197 -4.82 -19.95 0.98
CA GLY A 197 -5.20 -21.34 1.01
C GLY A 197 -4.05 -22.19 0.51
N PRO A 198 -4.34 -23.41 0.03
CA PRO A 198 -3.29 -24.32 -0.44
C PRO A 198 -2.56 -23.80 -1.68
N SER A 199 -3.11 -22.79 -2.36
CA SER A 199 -2.53 -22.31 -3.61
C SER A 199 -2.18 -20.81 -3.59
N ARG A 200 -1.89 -20.28 -2.40
CA ARG A 200 -1.59 -18.85 -2.26
C ARG A 200 -0.46 -18.40 -3.19
N ASP A 201 0.55 -19.24 -3.36
CA ASP A 201 1.68 -18.90 -4.22
C ASP A 201 1.23 -18.85 -5.67
N LEU A 202 0.39 -19.80 -6.07
CA LEU A 202 -0.17 -19.83 -7.40
C LEU A 202 -1.00 -18.58 -7.66
N ASN A 203 -1.89 -18.28 -6.72
CA ASN A 203 -2.83 -17.18 -6.88
C ASN A 203 -2.10 -15.83 -6.89
N THR A 204 -1.00 -15.75 -6.16
CA THR A 204 -0.19 -14.54 -6.11
C THR A 204 0.40 -14.23 -7.49
N LYS A 205 0.91 -15.25 -8.17
CA LYS A 205 1.46 -15.05 -9.51
C LYS A 205 0.38 -14.65 -10.51
N LEU A 206 -0.83 -15.17 -10.32
CA LEU A 206 -1.97 -14.82 -11.17
C LEU A 206 -2.34 -13.37 -11.02
N ALA A 207 -2.45 -12.94 -9.76
CA ALA A 207 -2.78 -11.56 -9.45
C ALA A 207 -1.74 -10.61 -10.03
N ILE A 208 -0.46 -10.96 -9.89
CA ILE A 208 0.61 -10.12 -10.42
C ILE A 208 0.49 -10.02 -11.94
N ASP A 209 0.26 -11.17 -12.58
CA ASP A 209 0.08 -11.21 -14.03
C ASP A 209 -1.13 -10.39 -14.45
N TRP A 210 -2.22 -10.52 -13.70
CA TRP A 210 -3.43 -9.77 -14.03
C TRP A 210 -3.19 -8.25 -14.04
N CYS A 211 -2.42 -7.77 -13.06
CA CYS A 211 -2.16 -6.35 -12.96
C CYS A 211 -1.23 -5.85 -14.07
N LYS A 212 -0.24 -6.66 -14.42
CA LYS A 212 0.69 -6.27 -15.48
C LYS A 212 0.03 -6.30 -16.85
N ARG A 213 -0.96 -7.17 -17.04
CA ARG A 213 -1.74 -7.19 -18.28
C ARG A 213 -2.81 -6.11 -18.28
N HIS A 214 -3.37 -5.82 -17.10
CA HIS A 214 -4.41 -4.79 -16.99
C HIS A 214 -4.08 -3.80 -15.87
N PRO A 215 -3.19 -2.85 -16.16
CA PRO A 215 -2.59 -1.92 -15.18
C PRO A 215 -3.57 -0.96 -14.50
N GLN A 216 -4.84 -1.02 -14.85
CA GLN A 216 -5.85 -0.30 -14.08
C GLN A 216 -5.93 -0.89 -12.67
N TRP A 217 -5.57 -2.16 -12.57
CA TRP A 217 -5.64 -2.91 -11.32
C TRP A 217 -4.34 -2.82 -10.52
N ARG A 218 -4.46 -2.95 -9.21
CA ARG A 218 -3.30 -2.94 -8.32
CA ARG A 218 -3.32 -2.94 -8.31
C ARG A 218 -3.28 -4.19 -7.45
N LEU A 219 -2.10 -4.61 -7.03
CA LEU A 219 -1.99 -5.79 -6.19
C LEU A 219 -2.18 -5.46 -4.72
N SER A 220 -3.13 -6.15 -4.09
CA SER A 220 -3.31 -6.06 -2.65
C SER A 220 -2.76 -7.31 -1.99
N MET A 221 -1.66 -7.15 -1.26
CA MET A 221 -1.09 -8.25 -0.49
C MET A 221 -1.69 -8.31 0.91
N GLN A 222 -1.84 -9.52 1.43
CA GLN A 222 -2.20 -9.70 2.83
C GLN A 222 -0.93 -9.61 3.67
N THR A 223 -0.42 -8.39 3.83
CA THR A 223 0.90 -8.17 4.43
C THR A 223 1.01 -8.62 5.89
N HIS A 224 -0.08 -8.59 6.62
CA HIS A 224 -0.05 -9.02 8.02
C HIS A 224 0.37 -10.48 8.16
N LYS A 225 0.15 -11.28 7.11
CA LYS A 225 0.55 -12.69 7.12
C LYS A 225 2.03 -12.84 6.75
N TYR A 226 2.62 -11.78 6.21
CA TYR A 226 4.04 -11.79 5.87
C TYR A 226 4.88 -11.21 7.02
N LEU A 227 4.26 -10.31 7.78
CA LEU A 227 4.90 -9.70 8.94
C LEU A 227 4.67 -10.51 10.20
N ASN A 228 3.74 -11.46 10.11
CA ASN A 228 3.27 -12.25 11.26
C ASN A 228 2.80 -11.34 12.40
N ILE A 229 1.86 -10.46 12.08
CA ILE A 229 1.21 -9.59 13.06
C ILE A 229 -0.31 -9.77 12.98
N PRO A 230 -1.04 -9.52 14.08
CA PRO A 230 -2.51 -9.66 14.10
C PRO A 230 -3.22 -8.94 12.95
N THR B 22 21.33 14.08 -22.93
CA THR B 22 21.91 12.73 -22.90
C THR B 22 21.74 12.08 -21.51
N TYR B 23 21.18 10.89 -21.48
CA TYR B 23 20.83 10.21 -20.23
C TYR B 23 21.52 8.87 -20.06
N ALA B 24 22.12 8.65 -18.89
CA ALA B 24 22.78 7.40 -18.57
C ALA B 24 21.86 6.53 -17.70
N VAL B 25 21.36 5.45 -18.27
CA VAL B 25 20.37 4.62 -17.59
C VAL B 25 20.88 3.21 -17.31
N LYS B 26 20.83 2.82 -16.05
CA LYS B 26 21.27 1.49 -15.62
C LYS B 26 20.36 0.38 -16.15
N GLU B 27 19.07 0.47 -15.87
CA GLU B 27 18.12 -0.53 -16.34
C GLU B 27 16.69 0.01 -16.43
N ILE B 28 15.92 -0.53 -17.37
CA ILE B 28 14.51 -0.19 -17.52
C ILE B 28 13.68 -1.47 -17.57
N PHE B 29 12.71 -1.60 -16.67
CA PHE B 29 11.92 -2.82 -16.60
C PHE B 29 10.48 -2.56 -16.14
N TYR B 30 9.58 -3.48 -16.49
CA TYR B 30 8.17 -3.35 -16.19
C TYR B 30 7.77 -4.30 -15.07
N THR B 31 7.15 -3.77 -14.03
CA THR B 31 6.81 -4.58 -12.87
C THR B 31 5.77 -3.88 -11.99
N LEU B 32 5.70 -4.27 -10.72
CA LEU B 32 4.87 -3.57 -9.75
C LEU B 32 5.74 -2.73 -8.82
N GLN B 33 5.35 -1.48 -8.60
CA GLN B 33 5.97 -0.67 -7.57
C GLN B 33 5.82 -1.41 -6.24
N GLY B 34 6.93 -1.73 -5.60
CA GLY B 34 6.92 -2.56 -4.41
C GLY B 34 6.85 -1.80 -3.09
N GLU B 35 7.05 -0.48 -3.15
CA GLU B 35 7.17 0.32 -1.95
C GLU B 35 6.25 1.54 -1.96
N GLY B 36 6.00 2.10 -0.78
CA GLY B 36 5.31 3.37 -0.67
C GLY B 36 3.81 3.28 -0.79
N ALA B 37 3.18 4.45 -0.96
CA ALA B 37 1.72 4.54 -1.06
C ALA B 37 1.21 3.88 -2.33
N ASN B 38 2.04 3.88 -3.37
CA ASN B 38 1.69 3.26 -4.64
C ASN B 38 2.14 1.80 -4.74
N ALA B 39 2.34 1.13 -3.61
CA ALA B 39 2.72 -0.27 -3.61
C ALA B 39 1.66 -1.13 -4.32
N GLY B 40 2.11 -2.07 -5.13
CA GLY B 40 1.21 -2.96 -5.84
C GLY B 40 0.80 -2.43 -7.20
N ARG B 41 1.15 -1.18 -7.49
CA ARG B 41 0.74 -0.55 -8.74
C ARG B 41 1.71 -0.85 -9.88
N PRO B 42 1.18 -1.30 -11.04
CA PRO B 42 2.04 -1.56 -12.20
C PRO B 42 2.74 -0.30 -12.68
N ALA B 43 4.04 -0.42 -12.95
CA ALA B 43 4.85 0.73 -13.33
C ALA B 43 6.09 0.33 -14.08
N VAL B 44 6.51 1.18 -15.01
CA VAL B 44 7.81 1.02 -15.64
C VAL B 44 8.85 1.72 -14.77
N PHE B 45 9.89 0.98 -14.38
CA PHE B 45 10.98 1.57 -13.62
C PHE B 45 12.13 1.98 -14.52
N CYS B 46 12.49 3.26 -14.48
CA CYS B 46 13.67 3.75 -15.18
C CYS B 46 14.76 4.06 -14.16
N ARG B 47 15.66 3.11 -13.94
CA ARG B 47 16.71 3.29 -12.93
C ARG B 47 17.93 4.00 -13.51
N PHE B 48 18.08 5.29 -13.18
CA PHE B 48 19.21 6.08 -13.66
C PHE B 48 20.51 5.66 -12.99
N ALA B 49 21.62 5.77 -13.74
CA ALA B 49 22.92 5.39 -13.22
C ALA B 49 23.55 6.54 -12.43
N GLY B 50 24.24 6.20 -11.35
CA GLY B 50 24.96 7.18 -10.56
C GLY B 50 24.16 7.88 -9.47
N CYS B 51 24.85 8.16 -8.37
CA CYS B 51 24.26 8.85 -7.22
C CYS B 51 25.24 9.89 -6.64
N ASN B 52 24.72 10.89 -5.96
CA ASN B 52 25.57 11.94 -5.40
C ASN B 52 25.95 11.67 -3.95
N LEU B 53 25.33 10.66 -3.35
CA LEU B 53 25.61 10.33 -1.95
C LEU B 53 26.47 9.07 -1.82
N TRP B 54 26.80 8.45 -2.95
CA TRP B 54 27.64 7.25 -2.98
C TRP B 54 28.13 6.98 -4.41
N SER B 55 29.40 6.64 -4.54
CA SER B 55 30.00 6.34 -5.83
C SER B 55 29.36 5.12 -6.49
N GLY B 56 28.99 4.15 -5.67
CA GLY B 56 28.39 2.92 -6.15
C GLY B 56 29.28 1.71 -5.94
N ARG B 57 30.56 1.97 -5.65
CA ARG B 57 31.54 0.89 -5.47
C ARG B 57 31.72 0.55 -3.99
N GLU B 58 31.89 -0.73 -3.72
CA GLU B 58 31.95 -1.25 -2.34
C GLU B 58 33.11 -0.70 -1.52
N GLU B 59 34.20 -0.33 -2.19
CA GLU B 59 35.35 0.24 -1.51
C GLU B 59 34.99 1.55 -0.83
N ASP B 60 34.06 2.28 -1.43
CA ASP B 60 33.69 3.61 -0.96
C ASP B 60 32.50 3.63 0.00
N ARG B 61 31.78 2.51 0.10
CA ARG B 61 30.56 2.45 0.91
C ARG B 61 30.82 2.81 2.37
N ALA B 62 31.95 2.37 2.91
CA ALA B 62 32.26 2.55 4.33
C ALA B 62 32.42 4.02 4.68
N GLN B 63 32.75 4.84 3.69
CA GLN B 63 33.00 6.26 3.94
C GLN B 63 32.07 7.19 3.16
N ALA B 64 31.04 6.62 2.53
CA ALA B 64 30.08 7.40 1.78
C ALA B 64 29.08 8.11 2.69
N VAL B 65 28.31 9.03 2.12
CA VAL B 65 27.30 9.77 2.88
C VAL B 65 26.10 8.88 3.18
N CYS B 66 25.70 8.08 2.18
CA CYS B 66 24.64 7.09 2.33
C CYS B 66 25.27 5.71 2.24
N ARG B 67 25.11 4.90 3.29
CA ARG B 67 25.91 3.68 3.43
C ARG B 67 25.10 2.38 3.51
N PHE B 68 23.81 2.44 3.20
CA PHE B 68 22.95 1.27 3.33
C PHE B 68 22.24 0.85 2.04
N CYS B 69 22.69 1.39 0.90
CA CYS B 69 22.02 1.16 -0.37
C CYS B 69 21.96 -0.34 -0.73
N ASP B 70 20.80 -0.78 -1.22
CA ASP B 70 20.59 -2.17 -1.58
C ASP B 70 20.64 -2.39 -3.09
N THR B 71 20.98 -1.32 -3.81
CA THR B 71 20.82 -1.27 -5.26
C THR B 71 22.16 -1.20 -5.99
N ASP B 72 22.21 -1.74 -7.20
CA ASP B 72 23.33 -1.52 -8.08
C ASP B 72 22.95 -0.50 -9.15
N PHE B 73 23.56 0.68 -9.09
CA PHE B 73 23.27 1.74 -10.05
C PHE B 73 24.51 2.14 -10.84
N VAL B 74 25.57 1.34 -10.73
CA VAL B 74 26.81 1.57 -11.45
C VAL B 74 26.75 1.03 -12.88
N GLY B 75 26.88 1.91 -13.86
CA GLY B 75 26.96 1.49 -15.25
C GLY B 75 25.68 1.57 -16.04
N THR B 76 25.71 1.05 -17.26
CA THR B 76 24.57 1.05 -18.14
C THR B 76 24.37 -0.32 -18.77
N ASP B 77 24.77 -1.36 -18.04
CA ASP B 77 24.83 -2.72 -18.57
C ASP B 77 23.58 -3.57 -18.27
N GLY B 78 22.69 -3.04 -17.43
CA GLY B 78 21.50 -3.77 -17.04
C GLY B 78 20.48 -3.92 -18.15
N GLU B 79 19.36 -4.55 -17.83
CA GLU B 79 18.29 -4.79 -18.81
C GLU B 79 17.77 -3.47 -19.40
N ASN B 80 17.78 -3.39 -20.73
CA ASN B 80 17.37 -2.19 -21.47
C ASN B 80 18.19 -0.95 -21.09
N GLY B 81 19.35 -1.16 -20.49
CA GLY B 81 20.23 -0.07 -20.11
C GLY B 81 20.99 0.49 -21.29
N GLY B 82 21.70 1.59 -21.05
CA GLY B 82 22.49 2.23 -22.10
C GLY B 82 22.45 3.74 -22.02
N LYS B 83 23.18 4.39 -22.91
CA LYS B 83 23.17 5.85 -23.01
C LYS B 83 22.17 6.28 -24.08
N PHE B 84 21.31 7.25 -23.75
CA PHE B 84 20.25 7.63 -24.66
C PHE B 84 20.48 8.99 -25.30
N LYS B 85 20.45 9.01 -26.64
CA LYS B 85 20.74 10.18 -27.45
C LYS B 85 19.98 11.42 -26.97
N ASP B 86 18.66 11.33 -26.94
CA ASP B 86 17.82 12.43 -26.48
C ASP B 86 16.67 11.89 -25.63
N ALA B 87 15.73 12.77 -25.28
CA ALA B 87 14.58 12.39 -24.47
C ALA B 87 13.67 11.43 -25.22
N ASP B 88 13.48 11.67 -26.51
CA ASP B 88 12.54 10.88 -27.32
C ASP B 88 12.95 9.43 -27.43
N ALA B 89 14.25 9.17 -27.39
CA ALA B 89 14.76 7.80 -27.48
C ALA B 89 14.45 7.03 -26.21
N LEU B 90 14.54 7.71 -25.07
CA LEU B 90 14.30 7.08 -23.78
C LEU B 90 12.82 6.78 -23.60
N VAL B 91 11.98 7.75 -23.94
CA VAL B 91 10.53 7.60 -23.88
C VAL B 91 10.06 6.42 -24.73
N ALA B 92 10.68 6.26 -25.91
CA ALA B 92 10.31 5.19 -26.82
C ALA B 92 10.52 3.82 -26.19
N THR B 93 11.63 3.67 -25.47
CA THR B 93 11.95 2.41 -24.79
C THR B 93 11.03 2.18 -23.60
N ILE B 94 10.68 3.27 -22.92
CA ILE B 94 9.79 3.21 -21.78
C ILE B 94 8.38 2.82 -22.20
N ALA B 95 7.87 3.46 -23.25
CA ALA B 95 6.53 3.21 -23.75
C ALA B 95 6.41 1.83 -24.39
N GLY B 96 7.53 1.32 -24.87
CA GLY B 96 7.55 0.01 -25.52
C GLY B 96 7.46 -1.15 -24.56
N LEU B 97 7.60 -0.88 -23.26
CA LEU B 97 7.50 -1.93 -22.26
C LEU B 97 6.08 -2.03 -21.70
N TRP B 98 5.27 -1.00 -21.96
CA TRP B 98 3.89 -0.98 -21.50
C TRP B 98 3.00 -1.88 -22.37
N PRO B 99 2.06 -2.60 -21.73
CA PRO B 99 1.10 -3.43 -22.47
C PRO B 99 0.34 -2.65 -23.53
N ALA B 100 0.25 -3.20 -24.73
CA ALA B 100 -0.36 -2.49 -25.86
C ALA B 100 -1.86 -2.26 -25.67
N GLY B 101 -2.32 -1.08 -26.05
CA GLY B 101 -3.74 -0.74 -25.98
C GLY B 101 -4.22 -0.51 -24.57
N GLU B 102 -3.29 -0.35 -23.63
CA GLU B 102 -3.62 -0.14 -22.23
C GLU B 102 -3.25 1.26 -21.78
N ALA B 103 -4.09 1.87 -20.95
CA ALA B 103 -3.84 3.19 -20.40
C ALA B 103 -3.22 3.10 -19.01
N HIS B 104 -3.48 4.11 -18.17
CA HIS B 104 -2.96 4.18 -16.81
C HIS B 104 -1.43 4.11 -16.79
N ARG B 105 -0.82 4.70 -17.82
CA ARG B 105 0.64 4.70 -17.98
C ARG B 105 1.33 5.40 -16.81
N PHE B 106 2.34 4.73 -16.26
CA PHE B 106 2.96 5.18 -15.03
C PHE B 106 4.42 4.76 -14.99
N VAL B 107 5.32 5.73 -14.81
CA VAL B 107 6.75 5.46 -14.76
C VAL B 107 7.36 5.92 -13.44
N VAL B 108 8.19 5.08 -12.85
CA VAL B 108 8.91 5.44 -11.63
C VAL B 108 10.36 5.75 -11.97
N CYS B 109 10.73 7.03 -11.93
CA CYS B 109 12.12 7.44 -12.12
C CYS B 109 12.88 7.30 -10.83
N THR B 110 13.93 6.47 -10.87
CA THR B 110 14.70 6.17 -9.67
C THR B 110 16.15 6.00 -10.08
N GLY B 111 16.94 5.30 -9.28
CA GLY B 111 18.35 5.12 -9.57
C GLY B 111 19.06 4.35 -8.47
N GLY B 112 20.19 4.86 -7.99
CA GLY B 112 20.74 6.12 -8.42
C GLY B 112 19.97 7.31 -7.87
N GLU B 113 20.48 8.51 -8.07
CA GLU B 113 19.72 9.70 -7.73
C GLU B 113 19.22 10.33 -9.03
N PRO B 114 17.93 10.11 -9.35
CA PRO B 114 17.37 10.53 -10.65
C PRO B 114 17.43 12.03 -10.92
N MET B 115 17.49 12.86 -9.89
CA MET B 115 17.50 14.30 -10.13
C MET B 115 18.86 14.79 -10.65
N LEU B 116 19.81 13.88 -10.81
CA LEU B 116 21.08 14.19 -11.46
C LEU B 116 20.91 14.34 -12.97
N GLN B 117 19.93 13.63 -13.53
CA GLN B 117 19.77 13.59 -14.98
C GLN B 117 18.36 13.98 -15.45
N LEU B 118 17.35 13.71 -14.62
CA LEU B 118 15.97 13.98 -14.98
C LEU B 118 15.70 15.47 -15.15
N ASP B 119 15.29 15.87 -16.35
CA ASP B 119 15.04 17.29 -16.65
C ASP B 119 13.68 17.54 -17.28
N GLN B 120 13.37 18.81 -17.51
CA GLN B 120 12.07 19.22 -18.03
C GLN B 120 11.72 18.67 -19.42
N PRO B 121 12.70 18.55 -20.35
CA PRO B 121 12.36 17.91 -21.63
C PRO B 121 11.85 16.48 -21.48
N LEU B 122 12.54 15.68 -20.67
CA LEU B 122 12.14 14.30 -20.44
C LEU B 122 10.78 14.20 -19.76
N VAL B 123 10.57 15.08 -18.77
CA VAL B 123 9.31 15.13 -18.05
C VAL B 123 8.15 15.47 -18.98
N ASP B 124 8.37 16.42 -19.88
CA ASP B 124 7.34 16.83 -20.84
C ASP B 124 7.09 15.76 -21.89
N ALA B 125 8.16 15.12 -22.36
CA ALA B 125 8.05 14.05 -23.34
C ALA B 125 7.29 12.85 -22.79
N LEU B 126 7.49 12.56 -21.51
CA LEU B 126 6.78 11.45 -20.86
C LEU B 126 5.30 11.78 -20.71
N HIS B 127 5.01 13.00 -20.28
CA HIS B 127 3.62 13.43 -20.14
C HIS B 127 2.90 13.37 -21.47
N ALA B 128 3.60 13.80 -22.52
CA ALA B 128 3.06 13.80 -23.87
C ALA B 128 2.76 12.39 -24.35
N ALA B 129 3.44 11.40 -23.78
CA ALA B 129 3.23 10.00 -24.13
C ALA B 129 2.15 9.36 -23.25
N GLY B 130 1.51 10.18 -22.42
CA GLY B 130 0.45 9.70 -21.55
C GLY B 130 0.90 9.07 -20.25
N PHE B 131 2.19 9.23 -19.92
CA PHE B 131 2.74 8.68 -18.69
C PHE B 131 2.57 9.62 -17.49
N GLY B 132 2.10 9.07 -16.38
CA GLY B 132 2.17 9.76 -15.10
C GLY B 132 3.53 9.46 -14.50
N ILE B 133 4.18 10.50 -13.97
CA ILE B 133 5.57 10.38 -13.55
C ILE B 133 5.73 10.35 -12.03
N ALA B 134 6.46 9.36 -11.53
CA ALA B 134 6.80 9.30 -10.12
C ALA B 134 8.32 9.30 -9.96
N ILE B 135 8.79 9.86 -8.85
CA ILE B 135 10.21 9.91 -8.62
C ILE B 135 10.54 9.36 -7.22
N GLU B 136 11.63 8.62 -7.15
CA GLU B 136 12.21 8.21 -5.89
C GLU B 136 13.50 9.00 -5.69
N THR B 137 13.52 9.95 -4.77
CA THR B 137 14.68 10.82 -4.62
C THR B 137 15.13 10.95 -3.17
N ASN B 138 16.42 11.19 -2.95
CA ASN B 138 16.96 11.23 -1.59
C ASN B 138 16.76 12.58 -0.90
N GLY B 139 16.32 13.58 -1.67
CA GLY B 139 15.95 14.87 -1.09
C GLY B 139 17.09 15.88 -0.99
N SER B 140 18.26 15.51 -1.50
CA SER B 140 19.42 16.40 -1.42
C SER B 140 19.49 17.35 -2.60
N LEU B 141 18.68 17.09 -3.63
CA LEU B 141 18.65 17.92 -4.83
C LEU B 141 17.23 18.43 -5.12
N PRO B 142 17.11 19.69 -5.55
CA PRO B 142 15.79 20.26 -5.84
C PRO B 142 15.07 19.50 -6.95
N VAL B 143 13.77 19.27 -6.79
CA VAL B 143 13.00 18.48 -7.74
C VAL B 143 12.16 19.35 -8.67
N LEU B 144 11.83 18.81 -9.84
CA LEU B 144 10.89 19.45 -10.74
C LEU B 144 9.46 19.29 -10.21
N GLU B 145 8.80 20.40 -9.95
CA GLU B 145 7.48 20.36 -9.31
C GLU B 145 6.37 20.00 -10.30
N SER B 146 6.74 19.75 -11.55
CA SER B 146 5.78 19.27 -12.54
C SER B 146 5.72 17.73 -12.53
N ILE B 147 6.45 17.12 -11.60
CA ILE B 147 6.41 15.68 -11.40
C ILE B 147 5.16 15.32 -10.59
N ASP B 148 4.44 14.29 -11.02
CA ASP B 148 3.11 13.99 -10.48
C ASP B 148 3.17 13.36 -9.09
N TRP B 149 4.17 12.52 -8.85
CA TRP B 149 4.33 11.89 -7.56
C TRP B 149 5.76 12.04 -7.07
N ILE B 150 5.93 12.76 -5.96
CA ILE B 150 7.26 13.00 -5.42
C ILE B 150 7.46 12.24 -4.11
N CYS B 151 8.31 11.22 -4.17
CA CYS B 151 8.68 10.46 -2.99
C CYS B 151 10.09 10.85 -2.53
N VAL B 152 10.19 11.32 -1.30
CA VAL B 152 11.48 11.74 -0.75
C VAL B 152 11.90 10.82 0.39
N SER B 153 13.11 10.27 0.29
CA SER B 153 13.64 9.40 1.34
C SER B 153 14.88 10.01 1.97
N PRO B 154 14.70 10.76 3.05
CA PRO B 154 15.77 11.54 3.69
C PRO B 154 16.91 10.67 4.20
N LYS B 155 18.13 11.04 3.86
CA LYS B 155 19.31 10.38 4.39
C LYS B 155 19.84 11.21 5.55
N ALA B 156 20.07 10.56 6.68
CA ALA B 156 20.31 11.25 7.96
C ALA B 156 21.55 12.14 7.96
N ASP B 157 22.56 11.78 7.17
CA ASP B 157 23.81 12.51 7.16
C ASP B 157 23.96 13.37 5.92
N ALA B 158 22.87 13.54 5.19
CA ALA B 158 22.87 14.36 3.97
C ALA B 158 22.00 15.58 4.18
N PRO B 159 22.20 16.62 3.36
CA PRO B 159 21.28 17.76 3.44
C PRO B 159 19.90 17.40 2.90
N LEU B 160 18.87 18.03 3.45
CA LEU B 160 17.51 17.86 2.97
C LEU B 160 17.01 19.18 2.41
N VAL B 161 16.98 19.31 1.08
CA VAL B 161 16.58 20.56 0.45
C VAL B 161 15.16 20.48 -0.13
N VAL B 162 14.59 19.28 -0.14
CA VAL B 162 13.21 19.09 -0.57
C VAL B 162 12.34 18.82 0.65
N THR B 163 11.51 19.79 1.01
CA THR B 163 10.74 19.72 2.25
C THR B 163 9.24 19.68 1.99
N LYS B 164 8.87 19.53 0.73
CA LYS B 164 7.47 19.31 0.38
C LYS B 164 7.38 18.32 -0.77
N GLY B 165 6.32 17.51 -0.76
CA GLY B 165 6.13 16.49 -1.76
C GLY B 165 4.92 15.64 -1.42
N ASN B 166 4.80 14.50 -2.08
CA ASN B 166 3.65 13.64 -1.91
C ASN B 166 3.81 12.67 -0.75
N GLU B 167 4.88 11.90 -0.75
CA GLU B 167 5.14 10.99 0.37
C GLU B 167 6.57 11.10 0.88
N LEU B 168 6.72 11.04 2.20
CA LEU B 168 8.02 11.04 2.82
C LEU B 168 8.32 9.65 3.39
N LYS B 169 9.16 8.90 2.68
CA LYS B 169 9.46 7.52 3.01
C LYS B 169 10.84 7.40 3.66
N VAL B 170 10.86 7.28 4.98
CA VAL B 170 12.13 7.30 5.72
C VAL B 170 12.58 5.89 6.08
N VAL B 171 13.79 5.53 5.68
CA VAL B 171 14.34 4.23 6.07
C VAL B 171 14.90 4.29 7.49
N ILE B 172 14.41 3.40 8.37
CA ILE B 172 14.88 3.35 9.75
C ILE B 172 15.45 1.97 10.10
N PRO B 173 16.38 1.89 11.05
CA PRO B 173 17.03 3.01 11.78
C PRO B 173 18.29 3.51 11.09
N GLN B 174 18.46 4.84 11.10
CA GLN B 174 19.74 5.44 10.76
C GLN B 174 20.24 6.19 11.98
N ASP B 175 21.55 6.29 12.15
CA ASP B 175 22.06 7.08 13.27
C ASP B 175 21.91 8.57 12.98
N ASN B 176 21.94 9.38 14.02
CA ASN B 176 21.77 10.83 13.93
C ASN B 176 20.42 11.21 13.33
N GLN B 177 19.46 10.31 13.45
CA GLN B 177 18.16 10.49 12.82
C GLN B 177 17.17 11.19 13.75
N ARG B 178 16.60 12.29 13.27
CA ARG B 178 15.57 13.00 14.02
C ARG B 178 14.21 12.68 13.40
N LEU B 179 13.64 11.57 13.83
CA LEU B 179 12.49 10.98 13.14
C LEU B 179 11.20 11.81 13.29
N ALA B 180 10.94 12.27 14.51
CA ALA B 180 9.71 13.02 14.79
C ALA B 180 9.69 14.40 14.11
N ASP B 181 10.88 14.95 13.87
CA ASP B 181 11.03 16.21 13.15
C ASP B 181 10.47 16.12 11.74
N TYR B 182 10.64 14.95 11.12
CA TYR B 182 10.18 14.71 9.76
C TYR B 182 8.66 14.88 9.64
N ALA B 183 7.93 14.56 10.70
CA ALA B 183 6.48 14.57 10.69
C ALA B 183 5.89 15.97 10.56
N LYS B 184 6.75 16.98 10.64
CA LYS B 184 6.29 18.36 10.62
C LYS B 184 6.54 19.02 9.27
N LEU B 185 6.95 18.21 8.30
CA LEU B 185 7.16 18.69 6.95
C LEU B 185 5.88 18.59 6.11
N ASP B 186 5.85 19.29 4.99
CA ASP B 186 4.67 19.36 4.13
C ASP B 186 4.57 18.18 3.16
N PHE B 187 4.09 17.06 3.67
CA PHE B 187 3.88 15.87 2.86
C PHE B 187 2.48 15.32 3.13
N GLU B 188 2.00 14.47 2.24
CA GLU B 188 0.67 13.88 2.41
C GLU B 188 0.75 12.55 3.15
N TYR B 189 1.80 11.79 2.87
CA TYR B 189 1.98 10.49 3.51
C TYR B 189 3.33 10.41 4.20
N PHE B 190 3.33 9.90 5.43
CA PHE B 190 4.55 9.70 6.17
C PHE B 190 4.77 8.22 6.42
N LEU B 191 5.78 7.65 5.76
CA LEU B 191 6.01 6.22 5.87
C LEU B 191 7.38 5.92 6.47
N VAL B 192 7.48 4.84 7.23
CA VAL B 192 8.78 4.32 7.63
C VAL B 192 9.01 2.97 6.96
N GLN B 193 10.20 2.79 6.44
CA GLN B 193 10.56 1.57 5.74
C GLN B 193 11.75 0.90 6.42
N PRO B 194 11.62 -0.38 6.79
CA PRO B 194 12.68 -1.12 7.47
C PRO B 194 13.94 -1.22 6.63
N MET B 195 15.10 -0.92 7.22
CA MET B 195 16.36 -1.05 6.50
C MET B 195 16.68 -2.53 6.26
N ASP B 196 16.84 -2.89 4.99
CA ASP B 196 17.18 -4.26 4.63
C ASP B 196 18.68 -4.51 4.85
N GLY B 197 19.00 -5.72 5.29
CA GLY B 197 20.36 -6.09 5.63
C GLY B 197 20.32 -7.21 6.66
N PRO B 198 21.41 -7.40 7.40
CA PRO B 198 21.50 -8.46 8.41
C PRO B 198 20.44 -8.35 9.52
N SER B 199 19.69 -7.26 9.56
CA SER B 199 18.73 -7.02 10.64
C SER B 199 17.34 -6.65 10.13
N ARG B 200 16.99 -7.10 8.93
CA ARG B 200 15.69 -6.78 8.35
C ARG B 200 14.53 -7.12 9.28
N ASP B 201 14.54 -8.33 9.84
CA ASP B 201 13.46 -8.76 10.75
C ASP B 201 13.40 -7.87 11.97
N LEU B 202 14.58 -7.54 12.48
CA LEU B 202 14.70 -6.69 13.66
C LEU B 202 14.20 -5.28 13.37
N ASN B 203 14.62 -4.73 12.25
CA ASN B 203 14.21 -3.38 11.87
C ASN B 203 12.72 -3.29 11.52
N THR B 204 12.15 -4.42 11.12
CA THR B 204 10.73 -4.46 10.76
C THR B 204 9.88 -4.39 12.02
N LYS B 205 10.29 -5.11 13.06
CA LYS B 205 9.66 -5.01 14.37
C LYS B 205 9.66 -3.58 14.88
N LEU B 206 10.80 -2.92 14.73
CA LEU B 206 10.98 -1.52 15.14
C LEU B 206 10.05 -0.58 14.40
N ALA B 207 9.95 -0.79 13.08
CA ALA B 207 9.12 0.06 12.23
C ALA B 207 7.63 -0.08 12.59
N ILE B 208 7.19 -1.31 12.81
CA ILE B 208 5.80 -1.55 13.21
C ILE B 208 5.49 -0.85 14.52
N ASP B 209 6.38 -1.03 15.49
CA ASP B 209 6.24 -0.42 16.80
C ASP B 209 6.20 1.10 16.73
N TRP B 210 6.99 1.66 15.83
CA TRP B 210 7.05 3.11 15.70
C TRP B 210 5.70 3.64 15.23
N CYS B 211 5.12 2.98 14.23
CA CYS B 211 3.84 3.39 13.67
C CYS B 211 2.71 3.25 14.69
N LYS B 212 2.77 2.22 15.51
CA LYS B 212 1.72 2.00 16.50
C LYS B 212 1.82 3.02 17.62
N ARG B 213 3.04 3.46 17.91
CA ARG B 213 3.25 4.52 18.92
C ARG B 213 2.92 5.89 18.34
N HIS B 214 3.26 6.11 17.08
CA HIS B 214 3.00 7.38 16.42
C HIS B 214 2.26 7.18 15.10
N PRO B 215 0.93 6.97 15.18
CA PRO B 215 0.06 6.52 14.06
C PRO B 215 -0.09 7.54 12.93
N GLN B 216 0.61 8.68 13.01
CA GLN B 216 0.71 9.55 11.85
C GLN B 216 1.51 8.83 10.76
N TRP B 217 2.35 7.89 11.20
CA TRP B 217 3.24 7.16 10.31
C TRP B 217 2.65 5.83 9.87
N ARG B 218 2.86 5.46 8.61
CA ARG B 218 2.41 4.17 8.13
CA ARG B 218 2.41 4.19 8.07
C ARG B 218 3.59 3.32 7.67
N LEU B 219 3.41 2.00 7.74
CA LEU B 219 4.47 1.07 7.39
C LEU B 219 4.62 0.88 5.89
N SER B 220 5.86 0.94 5.42
CA SER B 220 6.17 0.66 4.02
C SER B 220 7.05 -0.57 3.92
N MET B 221 6.51 -1.64 3.37
CA MET B 221 7.30 -2.84 3.14
C MET B 221 7.91 -2.84 1.75
N GLN B 222 9.05 -3.50 1.63
CA GLN B 222 9.60 -3.79 0.31
C GLN B 222 8.96 -5.08 -0.18
N THR B 223 7.70 -4.97 -0.59
CA THR B 223 6.87 -6.12 -0.95
C THR B 223 7.46 -6.95 -2.09
N HIS B 224 8.20 -6.30 -2.98
CA HIS B 224 8.80 -7.01 -4.11
C HIS B 224 9.84 -8.03 -3.66
N LYS B 225 10.34 -7.88 -2.44
CA LYS B 225 11.31 -8.82 -1.90
C LYS B 225 10.61 -10.01 -1.26
N TYR B 226 9.32 -9.84 -0.96
CA TYR B 226 8.52 -10.91 -0.40
C TYR B 226 7.85 -11.71 -1.51
N LEU B 227 7.53 -11.04 -2.61
CA LEU B 227 6.96 -11.68 -3.78
C LEU B 227 8.03 -12.29 -4.67
N ASN B 228 9.27 -11.88 -4.43
CA ASN B 228 10.41 -12.30 -5.25
C ASN B 228 10.21 -11.92 -6.71
N ILE B 229 9.95 -10.63 -6.94
CA ILE B 229 9.76 -10.08 -8.28
C ILE B 229 10.71 -8.88 -8.46
N PRO B 230 11.10 -8.58 -9.71
CA PRO B 230 12.02 -7.46 -9.96
C PRO B 230 11.58 -6.14 -9.33
FE1 SF4 C . -16.93 -14.39 2.95
FE2 SF4 C . -15.68 -14.32 5.38
FE3 SF4 C . -16.43 -11.98 4.17
FE4 SF4 C . -18.33 -13.67 5.19
S1 SF4 C . -16.73 -12.55 6.36
S2 SF4 C . -18.37 -12.64 3.16
S3 SF4 C . -17.39 -15.70 4.76
S4 SF4 C . -14.89 -13.49 3.42
N SAM D . -17.12 -10.22 5.06
CA SAM D . -16.54 -8.95 4.60
C SAM D . -15.86 -9.07 3.20
O SAM D . -15.83 -10.21 2.68
OXT SAM D . -15.38 -8.03 2.69
CB SAM D . -15.47 -8.41 5.58
CG SAM D . -14.69 -9.51 6.34
SD SAM D . -13.59 -10.39 5.26
CE SAM D . -12.96 -11.62 6.35
C5' SAM D . -12.18 -9.28 5.18
C4' SAM D . -11.39 -9.29 3.83
O4' SAM D . -10.57 -10.49 3.74
C3' SAM D . -12.28 -9.28 2.60
O3' SAM D . -11.80 -8.38 1.61
C2' SAM D . -12.20 -10.72 2.09
O2' SAM D . -12.39 -10.79 0.69
C1' SAM D . -10.77 -11.07 2.47
N9 SAM D . -10.52 -12.51 2.56
C8 SAM D . -11.26 -13.44 3.24
N7 SAM D . -10.82 -14.67 3.10
C5 SAM D . -9.71 -14.53 2.27
C6 SAM D . -8.82 -15.46 1.72
N6 SAM D . -8.90 -16.78 1.92
N1 SAM D . -7.83 -15.00 0.92
C2 SAM D . -7.75 -13.68 0.71
N3 SAM D . -8.54 -12.71 1.16
C4 SAM D . -9.52 -13.20 1.94
O6A 2K8 E . -10.40 -8.65 8.86
C6A 2K8 E . -10.24 -8.01 7.79
O6B 2K8 E . -10.96 -7.06 7.40
C6 2K8 E . -9.09 -8.43 6.88
N5 2K8 E . -8.11 -9.28 7.55
C4A 2K8 E . -7.12 -8.57 8.30
C7 2K8 E . -8.40 -7.23 6.17
N8 2K8 E . -7.35 -6.55 6.92
C8A 2K8 E . -6.69 -7.27 7.93
N1 2K8 E . -5.67 -6.62 8.52
C2 2K8 E . -5.08 -7.27 9.52
N2 2K8 E . -4.03 -6.73 10.13
N3 2K8 E . -5.49 -8.51 9.95
C4 2K8 E . -6.52 -9.24 9.40
O4 2K8 E . -6.83 -10.34 9.86
MN MN F . -8.68 -11.14 8.07
MN MN G . -10.35 -18.13 16.46
FE1 SF4 H . 21.51 6.17 -0.90
FE2 SF4 H . 21.33 4.29 -2.90
FE3 SF4 H . 19.54 6.37 -2.81
FE4 SF4 H . 22.16 6.84 -3.47
S1 SF4 H . 20.65 5.58 -4.65
S2 SF4 H . 20.89 8.05 -2.03
S3 SF4 H . 23.22 5.32 -2.15
S4 SF4 H . 19.79 4.72 -1.26
N SAM I . 18.74 7.48 -4.36
CA SAM I . 17.30 7.76 -4.22
C SAM I . 16.77 7.58 -2.76
O SAM I . 17.60 7.16 -1.92
OXT SAM I . 15.58 7.87 -2.53
CB SAM I . 16.44 6.82 -5.12
CG SAM I . 17.04 5.39 -5.30
SD SAM I . 16.97 4.47 -3.79
CE SAM I . 17.90 3.07 -4.22
C5' SAM I . 15.29 3.78 -3.85
C4' SAM I . 14.57 3.62 -2.48
O4' SAM I . 15.05 2.43 -1.80
C3' SAM I . 14.78 4.79 -1.52
O3' SAM I . 13.56 5.20 -0.91
C2' SAM I . 15.76 4.23 -0.48
O2' SAM I . 15.60 4.83 0.80
C1' SAM I . 15.35 2.77 -0.45
N9 SAM I . 16.40 1.88 0.04
C8 SAM I . 17.70 1.83 -0.38
N7 SAM I . 18.44 0.97 0.28
C5 SAM I . 17.56 0.42 1.21
C6 SAM I . 17.73 -0.55 2.20
N6 SAM I . 18.90 -1.13 2.50
N1 SAM I . 16.65 -0.89 2.93
C2 SAM I . 15.49 -0.30 2.68
N3 SAM I . 15.21 0.65 1.77
C4 SAM I . 16.29 0.96 1.05
O6A 2K8 J . 12.86 3.04 -6.51
C6A 2K8 J . 13.46 1.96 -6.29
O6B 2K8 J . 14.39 1.48 -6.98
C6 2K8 J . 13.04 1.16 -5.04
N5 2K8 J . 13.32 -0.26 -5.17
C4A 2K8 J . 12.34 -1.00 -5.89
C7 2K8 J . 11.56 1.40 -4.63
N8 2K8 J . 10.56 0.60 -5.32
C8A 2K8 J . 10.97 -0.62 -5.89
N1 2K8 J . 9.99 -1.35 -6.45
C2 2K8 J . 10.38 -2.48 -7.04
N2 2K8 J . 9.48 -3.30 -7.57
N3 2K8 J . 11.69 -2.86 -7.10
C4 2K8 J . 12.76 -2.18 -6.55
O4 2K8 J . 13.91 -2.61 -6.66
MN MN K . 15.17 -0.93 -4.84
MN MN L . 23.47 -5.58 -10.92
#